data_8G22
#
_entry.id   8G22
#
_cell.length_a   120.178
_cell.length_b   120.178
_cell.length_c   48.075
_cell.angle_alpha   90.00
_cell.angle_beta   90.00
_cell.angle_gamma   120.00
#
_symmetry.space_group_name_H-M   'H 3'
#
loop_
_entity.id
_entity.type
_entity.pdbx_description
1 polymer 'dTDP-4-dehydrorhamnose reductase'
2 water water
#
_entity_poly.entity_id   1
_entity_poly.type   'polypeptide(L)'
_entity_poly.pdbx_seq_one_letter_code
;SNAMILITGANGQLGTELRYLLDERNEEYVAVDVAEMDIIDAEMVEKVFEEVKPTLVYHCAAYTAVDAAEDEGKELDFAI
NVTGTKNVAKASEKHGATLVYISTDYVFDGKKPVGQEWEVDDRPDPQTEYGRTKRMGEELVEKHVSNFYIIRTAWVFGNY
GKNFVFTMQNLAKTHKTLTVVNDQYGRPTWTRTLAEFITYLAENRKEFGYYHLSNDATEDTTWYDFAVEILKDTDVEVKP
VDSSQFPAKAKRPLNSTMSLAKAKATGFVIPTWQDALQEFYKQEVR
;
_entity_poly.pdbx_strand_id   A
#
# COMPACT_ATOMS: atom_id res chain seq x y z
N SER A 1 21.85 13.72 12.96
CA SER A 1 22.01 13.60 11.49
C SER A 1 21.05 12.54 10.95
N ASN A 2 21.23 11.29 11.38
CA ASN A 2 20.40 10.19 10.95
C ASN A 2 18.97 10.40 11.44
N ALA A 3 18.01 10.02 10.61
CA ALA A 3 16.61 10.15 11.00
C ALA A 3 16.27 9.10 12.06
N MET A 4 15.35 9.47 12.95
N MET A 4 15.31 9.45 12.93
CA MET A 4 14.74 8.51 13.86
CA MET A 4 14.77 8.49 13.87
C MET A 4 13.46 8.05 13.19
C MET A 4 13.44 8.03 13.27
N ILE A 5 13.38 6.75 12.87
CA ILE A 5 12.29 6.21 12.07
C ILE A 5 11.26 5.46 12.89
N LEU A 6 9.98 5.74 12.63
CA LEU A 6 8.87 4.97 13.16
C LEU A 6 8.16 4.30 11.98
N ILE A 7 7.93 2.99 12.07
CA ILE A 7 7.15 2.26 11.09
C ILE A 7 5.84 1.82 11.74
N THR A 8 4.69 2.20 11.18
CA THR A 8 3.41 1.68 11.64
C THR A 8 3.01 0.56 10.68
N GLY A 9 2.10 -0.31 11.12
CA GLY A 9 1.72 -1.46 10.33
C GLY A 9 2.91 -2.39 10.06
N ALA A 10 3.79 -2.51 11.05
CA ALA A 10 5.07 -3.18 10.87
C ALA A 10 4.95 -4.66 10.54
N ASN A 11 3.81 -5.29 10.85
CA ASN A 11 3.66 -6.72 10.62
C ASN A 11 3.00 -7.04 9.27
N GLY A 12 2.56 -6.02 8.53
CA GLY A 12 1.95 -6.24 7.23
C GLY A 12 2.99 -6.58 6.17
N GLN A 13 2.54 -6.77 4.93
CA GLN A 13 3.44 -7.14 3.83
C GLN A 13 4.54 -6.10 3.67
N LEU A 14 4.13 -4.84 3.49
CA LEU A 14 5.10 -3.79 3.22
C LEU A 14 5.91 -3.50 4.49
N GLY A 15 5.23 -3.40 5.64
CA GLY A 15 5.94 -3.07 6.87
C GLY A 15 7.07 -4.05 7.16
N THR A 16 6.81 -5.34 6.91
CA THR A 16 7.79 -6.39 7.15
C THR A 16 8.95 -6.24 6.16
N GLU A 17 8.60 -6.09 4.88
CA GLU A 17 9.60 -5.90 3.84
C GLU A 17 10.50 -4.71 4.20
N LEU A 18 9.86 -3.62 4.64
CA LEU A 18 10.55 -2.38 4.97
C LEU A 18 11.49 -2.57 6.16
N ARG A 19 11.02 -3.23 7.22
CA ARG A 19 11.89 -3.50 8.36
C ARG A 19 13.15 -4.24 7.91
N TYR A 20 12.97 -5.26 7.07
CA TYR A 20 14.11 -6.08 6.65
C TYR A 20 15.04 -5.28 5.74
N LEU A 21 14.49 -4.36 4.94
CA LEU A 21 15.32 -3.50 4.12
C LEU A 21 16.16 -2.57 5.00
N LEU A 22 15.53 -1.95 6.00
CA LEU A 22 16.26 -1.05 6.90
C LEU A 22 17.31 -1.84 7.69
N ASP A 23 17.01 -3.10 8.06
CA ASP A 23 17.98 -3.96 8.72
C ASP A 23 19.21 -4.12 7.84
N GLU A 24 19.00 -4.42 6.54
CA GLU A 24 20.11 -4.60 5.61
C GLU A 24 20.97 -3.33 5.52
N ARG A 25 20.33 -2.17 5.68
CA ARG A 25 21.00 -0.89 5.57
C ARG A 25 21.54 -0.40 6.92
N ASN A 26 21.42 -1.22 7.96
CA ASN A 26 21.89 -0.87 9.29
C ASN A 26 21.28 0.45 9.74
N GLU A 27 20.00 0.66 9.41
CA GLU A 27 19.26 1.84 9.84
C GLU A 27 18.33 1.46 10.99
N GLU A 28 18.41 2.22 12.08
CA GLU A 28 17.59 1.96 13.24
C GLU A 28 16.18 2.48 13.04
N TYR A 29 15.22 1.80 13.67
CA TYR A 29 13.83 2.20 13.63
C TYR A 29 13.13 1.62 14.84
N VAL A 30 11.94 2.16 15.09
CA VAL A 30 10.99 1.58 16.02
C VAL A 30 9.81 1.13 15.17
N ALA A 31 9.48 -0.17 15.27
CA ALA A 31 8.39 -0.76 14.51
C ALA A 31 7.22 -1.01 15.44
N VAL A 32 6.02 -0.57 15.03
CA VAL A 32 4.82 -0.78 15.82
C VAL A 32 3.72 -1.33 14.91
N ASP A 33 2.90 -2.16 15.52
CA ASP A 33 1.65 -2.58 14.93
C ASP A 33 0.63 -2.52 16.08
N VAL A 34 -0.51 -3.19 15.93
CA VAL A 34 -1.60 -3.04 16.88
C VAL A 34 -1.14 -3.12 18.33
N ALA A 35 -0.26 -4.09 18.63
CA ALA A 35 0.15 -4.39 19.98
C ALA A 35 0.87 -3.23 20.67
N GLU A 36 1.70 -2.50 19.92
CA GLU A 36 2.56 -1.47 20.50
C GLU A 36 1.96 -0.06 20.41
N MET A 37 1.02 0.17 19.48
CA MET A 37 0.41 1.50 19.35
C MET A 37 -0.92 1.36 18.59
N ASP A 38 -2.03 1.33 19.35
CA ASP A 38 -3.38 1.32 18.78
C ASP A 38 -3.57 2.67 18.08
N ILE A 39 -3.52 2.72 16.72
CA ILE A 39 -3.56 3.98 15.99
C ILE A 39 -4.93 4.64 16.12
N ILE A 40 -5.95 3.88 16.56
CA ILE A 40 -7.28 4.42 16.73
C ILE A 40 -7.32 5.26 18.01
N ASP A 41 -6.46 4.91 18.97
CA ASP A 41 -6.39 5.57 20.26
C ASP A 41 -5.43 6.76 20.17
N ALA A 42 -5.97 7.99 20.09
CA ALA A 42 -5.17 9.17 19.90
C ALA A 42 -4.17 9.41 21.05
N GLU A 43 -4.67 9.26 22.29
N GLU A 43 -4.58 9.06 22.27
CA GLU A 43 -3.84 9.48 23.46
CA GLU A 43 -3.73 9.32 23.43
C GLU A 43 -2.61 8.59 23.36
C GLU A 43 -2.51 8.38 23.44
N MET A 44 -2.86 7.33 22.98
N MET A 44 -2.59 7.25 22.74
CA MET A 44 -1.80 6.36 22.82
CA MET A 44 -1.50 6.29 22.82
C MET A 44 -0.88 6.83 21.70
C MET A 44 -0.53 6.46 21.64
N VAL A 45 -1.45 7.29 20.59
N VAL A 45 -1.04 6.88 20.49
CA VAL A 45 -0.63 7.73 19.47
CA VAL A 45 -0.16 7.13 19.36
C VAL A 45 0.25 8.89 19.94
C VAL A 45 0.86 8.19 19.77
N GLU A 46 -0.34 9.84 20.65
N GLU A 46 0.36 9.22 20.47
CA GLU A 46 0.47 10.98 21.07
CA GLU A 46 1.21 10.29 20.94
C GLU A 46 1.53 10.54 22.08
C GLU A 46 2.26 9.73 21.90
N LYS A 47 1.19 9.59 22.95
N LYS A 47 1.89 8.67 22.64
CA LYS A 47 2.13 9.11 23.96
CA LYS A 47 2.79 8.10 23.63
C LYS A 47 3.36 8.49 23.30
C LYS A 47 4.00 7.48 22.93
N VAL A 48 3.15 7.59 22.34
N VAL A 48 3.77 6.70 21.88
CA VAL A 48 4.25 6.92 21.67
CA VAL A 48 4.86 6.08 21.13
C VAL A 48 5.07 7.94 20.86
C VAL A 48 5.74 7.17 20.52
N PHE A 49 4.40 8.88 20.20
N PHE A 49 5.13 8.19 19.93
CA PHE A 49 5.14 9.92 19.47
CA PHE A 49 5.89 9.28 19.33
C PHE A 49 6.03 10.71 20.43
C PHE A 49 6.75 10.00 20.36
N GLU A 50 5.55 10.95 21.66
N GLU A 50 6.20 10.21 21.56
CA GLU A 50 6.34 11.72 22.61
CA GLU A 50 6.91 10.94 22.60
C GLU A 50 7.50 10.87 23.13
C GLU A 50 8.12 10.14 23.10
N GLU A 51 7.31 9.54 23.16
N GLU A 51 8.01 8.80 23.10
CA GLU A 51 8.36 8.63 23.61
CA GLU A 51 9.06 7.92 23.55
C GLU A 51 9.47 8.51 22.56
C GLU A 51 10.17 7.77 22.51
N VAL A 52 9.08 8.42 21.28
N VAL A 52 9.77 7.58 21.25
CA VAL A 52 10.01 8.13 20.19
CA VAL A 52 10.70 7.28 20.18
C VAL A 52 10.53 9.42 19.54
C VAL A 52 11.28 8.57 19.59
N LYS A 53 9.68 10.45 19.49
N LYS A 53 10.44 9.60 19.50
CA LYS A 53 10.00 11.71 18.84
CA LYS A 53 10.82 10.87 18.89
C LYS A 53 10.53 11.45 17.43
C LYS A 53 11.30 10.62 17.47
N PRO A 54 9.74 10.81 16.55
N PRO A 54 10.46 10.00 16.61
CA PRO A 54 10.21 10.52 15.20
CA PRO A 54 10.86 9.75 15.24
C PRO A 54 10.37 11.77 14.35
C PRO A 54 10.86 11.04 14.44
N THR A 55 11.34 11.71 13.43
N THR A 55 11.68 11.09 13.40
CA THR A 55 11.56 12.74 12.43
CA THR A 55 11.62 12.23 12.51
C THR A 55 10.95 12.30 11.10
C THR A 55 11.23 11.77 11.11
N LEU A 56 10.71 10.99 10.98
N LEU A 56 11.05 10.45 10.94
CA LEU A 56 10.20 10.38 9.76
CA LEU A 56 10.61 9.87 9.68
C LEU A 56 9.28 9.23 10.15
C LEU A 56 9.68 8.71 10.02
N VAL A 57 8.07 9.22 9.59
N VAL A 57 8.45 8.75 9.47
CA VAL A 57 7.06 8.21 9.90
CA VAL A 57 7.45 7.74 9.77
C VAL A 57 6.64 7.51 8.61
C VAL A 57 7.01 7.10 8.46
N TYR A 58 6.80 6.18 8.57
N TYR A 58 7.14 5.77 8.39
CA TYR A 58 6.28 5.37 7.48
CA TYR A 58 6.62 4.98 7.28
C TYR A 58 4.96 4.74 7.95
C TYR A 58 5.31 4.35 7.74
N HIS A 59 3.84 5.32 7.51
N HIS A 59 4.20 4.98 7.38
CA HIS A 59 2.52 4.89 7.95
CA HIS A 59 2.88 4.53 7.82
C HIS A 59 1.97 3.83 6.99
C HIS A 59 2.36 3.48 6.85
N CYS A 60 2.21 2.57 7.35
N CYS A 60 2.53 2.21 7.25
CA CYS A 60 1.84 1.43 6.54
CA CYS A 60 2.15 1.08 6.42
C CYS A 60 0.58 0.71 7.06
C CYS A 60 0.88 0.40 6.94
N ALA A 61 0.10 1.09 8.24
N ALA A 61 0.28 0.92 8.01
CA ALA A 61 -1.09 0.48 8.83
CA ALA A 61 -0.93 0.36 8.58
C ALA A 61 -2.31 0.82 7.98
C ALA A 61 -2.14 0.73 7.71
N ALA A 62 -3.09 -0.20 7.60
CA ALA A 62 -4.29 0.00 6.81
C ALA A 62 -5.22 -1.18 6.96
N TYR A 63 -6.51 -0.92 6.73
CA TYR A 63 -7.52 -1.96 6.59
C TYR A 63 -7.74 -2.15 5.10
N THR A 64 -7.56 -3.37 4.59
CA THR A 64 -7.54 -3.58 3.15
C THR A 64 -8.49 -4.69 2.67
N ALA A 65 -9.35 -5.21 3.55
CA ALA A 65 -10.31 -6.24 3.18
C ALA A 65 -11.48 -5.56 2.45
N VAL A 66 -11.38 -5.49 1.11
CA VAL A 66 -12.25 -4.63 0.34
C VAL A 66 -13.71 -5.05 0.44
N ASP A 67 -14.00 -6.34 0.27
CA ASP A 67 -15.38 -6.77 0.31
C ASP A 67 -15.94 -6.61 1.73
N ALA A 68 -15.13 -6.96 2.74
CA ALA A 68 -15.60 -6.85 4.11
C ALA A 68 -15.90 -5.40 4.49
N ALA A 69 -15.10 -4.46 3.96
N ALA A 69 -15.17 -4.45 3.88
CA ALA A 69 -15.24 -3.05 4.30
CA ALA A 69 -15.38 -3.03 4.19
C ALA A 69 -16.64 -2.53 3.97
C ALA A 69 -16.72 -2.53 3.67
N GLU A 70 -17.31 -3.16 3.01
N GLU A 70 -17.35 -3.29 2.76
CA GLU A 70 -18.64 -2.74 2.61
CA GLU A 70 -18.66 -2.89 2.23
C GLU A 70 -19.65 -2.98 3.73
C GLU A 70 -19.76 -3.29 3.19
N ASP A 71 -19.44 -4.01 4.57
N ASP A 71 -19.49 -4.25 4.07
CA ASP A 71 -20.43 -4.36 5.58
CA ASP A 71 -20.53 -4.81 4.94
C ASP A 71 -19.78 -4.70 6.92
C ASP A 71 -20.15 -4.71 6.42
N GLU A 72 -19.36 -5.97 7.12
N GLU A 72 -19.90 -5.88 7.02
CA GLU A 72 -18.97 -6.42 8.46
CA GLU A 72 -19.72 -5.97 8.46
C GLU A 72 -17.69 -5.73 8.94
C GLU A 72 -18.45 -5.27 8.91
N GLY A 73 -16.81 -5.34 8.03
N GLY A 73 -17.52 -5.05 7.97
CA GLY A 73 -15.57 -4.69 8.43
CA GLY A 73 -16.24 -4.42 8.30
C GLY A 73 -15.62 -3.17 8.27
C GLY A 73 -16.21 -2.93 7.97
N LYS A 74 -16.82 -2.64 8.08
N LYS A 74 -17.36 -2.36 7.60
CA LYS A 74 -17.01 -1.22 7.77
CA LYS A 74 -17.40 -0.96 7.17
C LYS A 74 -16.53 -0.33 8.91
C LYS A 74 -16.89 -0.02 8.27
N GLU A 75 -16.89 -0.68 10.15
N GLU A 75 -17.26 -0.27 9.53
CA GLU A 75 -16.51 0.13 11.30
CA GLU A 75 -16.88 0.64 10.60
C GLU A 75 -14.99 0.09 11.48
C GLU A 75 -15.40 0.50 10.97
N LEU A 76 -14.38 -1.08 11.30
N LEU A 76 -14.88 -0.73 10.97
CA LEU A 76 -12.94 -1.14 11.46
CA LEU A 76 -13.49 -0.95 11.36
C LEU A 76 -12.25 -0.53 10.24
C LEU A 76 -12.55 -0.34 10.32
N ASP A 77 -12.87 -0.59 9.05
CA ASP A 77 -12.23 0.02 7.89
C ASP A 77 -12.10 1.53 8.12
N PHE A 78 -13.18 2.14 8.61
CA PHE A 78 -13.19 3.57 8.87
C PHE A 78 -12.25 3.91 10.02
N ALA A 79 -12.29 3.13 11.10
CA ALA A 79 -11.48 3.42 12.27
C ALA A 79 -9.99 3.38 11.93
N ILE A 80 -9.57 2.39 11.14
N ILE A 80 -9.58 2.36 11.17
CA ILE A 80 -8.15 2.24 10.86
CA ILE A 80 -8.16 2.23 10.84
C ILE A 80 -7.70 3.22 9.77
C ILE A 80 -7.74 3.27 9.81
N ASN A 81 -8.47 3.34 8.68
CA ASN A 81 -8.04 4.18 7.57
C ASN A 81 -8.26 5.68 7.81
N VAL A 82 -9.34 6.04 8.49
CA VAL A 82 -9.62 7.44 8.75
C VAL A 82 -9.05 7.82 10.13
N THR A 83 -9.60 7.25 11.21
CA THR A 83 -9.17 7.69 12.54
C THR A 83 -7.68 7.42 12.77
N GLY A 84 -7.22 6.23 12.39
CA GLY A 84 -5.82 5.90 12.58
C GLY A 84 -4.89 6.84 11.82
N THR A 85 -5.25 7.13 10.58
CA THR A 85 -4.45 8.06 9.78
C THR A 85 -4.49 9.46 10.41
N LYS A 86 -5.67 9.91 10.84
CA LYS A 86 -5.83 11.19 11.49
C LYS A 86 -4.88 11.30 12.68
N ASN A 87 -4.86 10.27 13.52
CA ASN A 87 -4.05 10.32 14.74
C ASN A 87 -2.57 10.35 14.40
N VAL A 88 -2.12 9.52 13.45
CA VAL A 88 -0.72 9.49 13.08
C VAL A 88 -0.32 10.80 12.40
N ALA A 89 -1.20 11.34 11.55
CA ALA A 89 -0.90 12.60 10.88
C ALA A 89 -0.77 13.74 11.90
N LYS A 90 -1.70 13.81 12.86
CA LYS A 90 -1.66 14.89 13.84
C LYS A 90 -0.42 14.78 14.73
N ALA A 91 -0.05 13.55 15.12
N ALA A 91 -0.02 13.55 15.06
CA ALA A 91 1.13 13.37 15.96
CA ALA A 91 1.18 13.34 15.87
C ALA A 91 2.39 13.68 15.17
C ALA A 91 2.42 13.74 15.08
N SER A 92 2.34 13.43 13.85
N SER A 92 2.53 13.23 13.84
CA SER A 92 3.47 13.75 12.99
CA SER A 92 3.68 13.54 12.99
C SER A 92 3.60 15.27 12.89
C SER A 92 3.91 15.04 12.93
N GLU A 93 2.45 15.93 12.73
N GLU A 93 2.84 15.82 12.69
CA GLU A 93 2.39 17.39 12.63
CA GLU A 93 2.96 17.27 12.59
C GLU A 93 2.97 18.03 13.89
C GLU A 93 3.38 17.85 13.92
N LYS A 94 2.60 17.51 15.05
N LYS A 94 2.67 17.47 14.99
CA LYS A 94 3.03 18.07 16.32
CA LYS A 94 2.99 17.95 16.34
C LYS A 94 4.54 17.91 16.48
C LYS A 94 4.48 17.82 16.60
N HIS A 95 5.08 16.73 16.10
CA HIS A 95 6.49 16.44 16.31
C HIS A 95 7.39 16.87 15.15
N GLY A 96 6.83 17.56 14.15
CA GLY A 96 7.60 18.04 13.01
C GLY A 96 8.17 16.92 12.13
N ALA A 97 7.56 15.72 12.19
CA ALA A 97 8.06 14.57 11.45
C ALA A 97 7.59 14.59 10.00
N THR A 98 8.41 14.00 9.11
CA THR A 98 8.02 13.71 7.74
C THR A 98 7.17 12.45 7.76
N LEU A 99 6.02 12.48 7.07
CA LEU A 99 5.11 11.34 7.06
C LEU A 99 4.98 10.79 5.64
N VAL A 100 5.22 9.48 5.54
CA VAL A 100 4.99 8.71 4.34
C VAL A 100 3.72 7.88 4.54
N TYR A 101 2.72 8.09 3.68
CA TYR A 101 1.48 7.37 3.74
C TYR A 101 1.32 6.54 2.47
N ILE A 102 1.03 5.25 2.63
CA ILE A 102 0.81 4.36 1.52
C ILE A 102 -0.69 4.31 1.24
N SER A 103 -1.07 4.60 -0.01
CA SER A 103 -2.45 4.62 -0.40
C SER A 103 -2.67 3.69 -1.59
N THR A 104 -3.75 3.91 -2.34
CA THR A 104 -4.28 2.88 -3.23
C THR A 104 -4.87 3.47 -4.50
N ASP A 105 -4.82 2.65 -5.55
CA ASP A 105 -5.54 2.88 -6.80
C ASP A 105 -7.04 2.97 -6.57
N TYR A 106 -7.54 2.39 -5.46
CA TYR A 106 -8.97 2.39 -5.19
C TYR A 106 -9.52 3.78 -4.88
N VAL A 107 -8.68 4.82 -4.77
CA VAL A 107 -9.25 6.16 -4.62
C VAL A 107 -9.88 6.60 -5.94
N PHE A 108 -9.52 5.97 -7.06
CA PHE A 108 -10.07 6.35 -8.36
C PHE A 108 -11.27 5.46 -8.71
N ASP A 109 -12.06 5.91 -9.70
CA ASP A 109 -13.29 5.21 -10.07
C ASP A 109 -13.05 4.06 -11.05
N GLY A 110 -11.82 3.89 -11.52
CA GLY A 110 -11.48 2.79 -12.42
C GLY A 110 -11.95 2.96 -13.87
N LYS A 111 -12.48 4.13 -14.23
N LYS A 111 -12.48 4.14 -14.22
CA LYS A 111 -13.06 4.29 -15.57
CA LYS A 111 -13.06 4.33 -15.54
C LYS A 111 -12.05 4.80 -16.59
C LYS A 111 -12.08 4.99 -16.52
N LYS A 112 -10.79 5.00 -16.17
CA LYS A 112 -9.77 5.47 -17.10
C LYS A 112 -9.73 4.54 -18.31
N PRO A 113 -9.74 5.04 -19.57
CA PRO A 113 -9.66 4.13 -20.71
C PRO A 113 -8.42 3.24 -20.66
N VAL A 114 -8.58 1.99 -21.10
CA VAL A 114 -7.47 1.06 -21.16
C VAL A 114 -6.44 1.61 -22.16
N GLY A 115 -5.18 1.60 -21.74
CA GLY A 115 -4.10 2.22 -22.50
C GLY A 115 -3.71 3.58 -21.92
N GLN A 116 -4.60 4.15 -21.09
CA GLN A 116 -4.34 5.39 -20.37
C GLN A 116 -4.10 5.07 -18.90
N GLU A 117 -3.63 6.07 -18.16
CA GLU A 117 -3.08 5.86 -16.83
C GLU A 117 -3.50 6.97 -15.88
N TRP A 118 -3.72 6.62 -14.61
CA TRP A 118 -4.04 7.60 -13.59
C TRP A 118 -2.81 8.42 -13.22
N GLU A 119 -2.97 9.73 -13.26
N GLU A 119 -2.95 9.75 -13.32
CA GLU A 119 -1.89 10.63 -12.86
CA GLU A 119 -1.93 10.70 -12.93
C GLU A 119 -2.18 11.15 -11.46
C GLU A 119 -2.17 11.13 -11.47
N VAL A 120 -1.12 11.66 -10.81
CA VAL A 120 -1.22 11.99 -9.39
C VAL A 120 -2.26 13.06 -9.10
N ASP A 121 -2.54 13.92 -10.09
CA ASP A 121 -3.48 15.03 -9.94
C ASP A 121 -4.86 14.72 -10.52
N ASP A 122 -5.12 13.46 -10.89
CA ASP A 122 -6.47 13.08 -11.32
C ASP A 122 -7.38 13.11 -10.09
N ARG A 123 -8.67 13.35 -10.31
CA ARG A 123 -9.59 13.56 -9.19
C ARG A 123 -10.07 12.23 -8.64
N PRO A 124 -9.82 11.92 -7.35
CA PRO A 124 -10.35 10.70 -6.77
C PRO A 124 -11.88 10.71 -6.80
N ASP A 125 -12.45 9.52 -6.98
CA ASP A 125 -13.90 9.34 -6.99
C ASP A 125 -14.16 7.89 -6.64
N PRO A 126 -13.83 7.46 -5.40
CA PRO A 126 -13.88 6.05 -5.05
C PRO A 126 -15.31 5.51 -5.07
N GLN A 127 -15.44 4.27 -5.56
CA GLN A 127 -16.71 3.60 -5.66
C GLN A 127 -16.85 2.50 -4.62
N THR A 128 -15.88 2.39 -3.71
CA THR A 128 -15.88 1.40 -2.65
C THR A 128 -15.64 2.09 -1.31
N GLU A 129 -16.02 1.41 -0.23
N GLU A 129 -16.05 1.43 -0.23
CA GLU A 129 -15.82 1.92 1.12
CA GLU A 129 -15.78 1.93 1.11
C GLU A 129 -14.32 1.99 1.43
C GLU A 129 -14.29 2.03 1.36
N TYR A 130 -13.55 0.99 1.00
CA TYR A 130 -12.11 0.99 1.14
C TYR A 130 -11.52 2.25 0.48
N GLY A 131 -11.90 2.50 -0.77
CA GLY A 131 -11.39 3.67 -1.46
C GLY A 131 -11.81 4.97 -0.79
N ARG A 132 -13.06 5.02 -0.30
CA ARG A 132 -13.57 6.22 0.35
C ARG A 132 -12.72 6.56 1.58
N THR A 133 -12.45 5.56 2.42
CA THR A 133 -11.72 5.82 3.66
C THR A 133 -10.24 6.08 3.38
N LYS A 134 -9.66 5.40 2.38
CA LYS A 134 -8.27 5.69 2.04
C LYS A 134 -8.14 7.12 1.51
N ARG A 135 -9.10 7.58 0.71
CA ARG A 135 -9.04 8.94 0.22
C ARG A 135 -9.18 9.94 1.38
N MET A 136 -10.05 9.63 2.34
CA MET A 136 -10.16 10.49 3.52
C MET A 136 -8.82 10.52 4.27
N GLY A 137 -8.13 9.37 4.32
CA GLY A 137 -6.81 9.30 4.91
C GLY A 137 -5.81 10.20 4.18
N GLU A 138 -5.83 10.15 2.85
CA GLU A 138 -4.96 11.01 2.05
C GLU A 138 -5.18 12.48 2.40
N GLU A 139 -6.46 12.88 2.47
N GLU A 139 -6.47 12.88 2.48
CA GLU A 139 -6.77 14.27 2.72
CA GLU A 139 -6.81 14.27 2.73
C GLU A 139 -6.28 14.67 4.11
C GLU A 139 -6.37 14.70 4.13
N LEU A 140 -6.40 13.77 5.09
CA LEU A 140 -5.92 14.05 6.44
C LEU A 140 -4.41 14.28 6.46
N VAL A 141 -3.67 13.44 5.74
CA VAL A 141 -2.22 13.59 5.67
C VAL A 141 -1.87 14.94 5.07
N GLU A 142 -2.49 15.26 3.93
CA GLU A 142 -2.17 16.49 3.23
C GLU A 142 -2.57 17.69 4.07
N LYS A 143 -3.66 17.59 4.83
CA LYS A 143 -4.15 18.68 5.67
C LYS A 143 -3.18 18.95 6.80
N HIS A 144 -2.74 17.90 7.50
CA HIS A 144 -2.01 18.05 8.76
C HIS A 144 -0.50 18.11 8.62
N VAL A 145 0.06 17.47 7.59
CA VAL A 145 1.51 17.32 7.53
C VAL A 145 2.05 18.01 6.29
N SER A 146 2.83 19.07 6.50
CA SER A 146 3.44 19.79 5.39
C SER A 146 4.48 18.92 4.69
N ASN A 147 5.25 18.18 5.48
CA ASN A 147 6.34 17.37 4.95
C ASN A 147 5.83 15.95 4.74
N PHE A 148 5.10 15.75 3.65
CA PHE A 148 4.44 14.48 3.42
C PHE A 148 4.79 13.89 2.06
N TYR A 149 4.70 12.55 2.03
CA TYR A 149 4.70 11.79 0.78
C TYR A 149 3.51 10.84 0.83
N ILE A 150 2.64 10.90 -0.19
CA ILE A 150 1.56 9.93 -0.34
C ILE A 150 1.90 9.10 -1.56
N ILE A 151 2.02 7.78 -1.38
CA ILE A 151 2.38 6.91 -2.49
C ILE A 151 1.22 5.96 -2.71
N ARG A 152 0.53 6.11 -3.84
CA ARG A 152 -0.53 5.18 -4.20
C ARG A 152 0.11 3.98 -4.88
N THR A 153 -0.30 2.79 -4.44
CA THR A 153 0.19 1.54 -5.00
C THR A 153 -0.98 0.62 -5.28
N ALA A 154 -0.69 -0.56 -5.83
CA ALA A 154 -1.73 -1.45 -6.28
C ALA A 154 -1.22 -2.87 -6.42
N TRP A 155 -2.13 -3.83 -6.28
CA TRP A 155 -1.85 -5.22 -6.63
C TRP A 155 -0.57 -5.69 -5.94
N VAL A 156 -0.53 -5.50 -4.63
CA VAL A 156 0.70 -5.64 -3.86
C VAL A 156 0.98 -7.10 -3.52
N PHE A 157 2.22 -7.54 -3.77
CA PHE A 157 2.62 -8.89 -3.44
C PHE A 157 4.04 -8.89 -2.93
N GLY A 158 4.39 -9.97 -2.23
CA GLY A 158 5.74 -10.16 -1.71
C GLY A 158 5.77 -11.38 -0.79
N ASN A 159 6.92 -11.64 -0.21
CA ASN A 159 7.09 -12.86 0.57
C ASN A 159 6.60 -12.74 2.00
N TYR A 160 6.03 -11.60 2.40
CA TYR A 160 5.76 -11.35 3.81
C TYR A 160 4.27 -11.17 4.10
N GLY A 161 3.42 -11.72 3.23
CA GLY A 161 2.00 -11.79 3.53
C GLY A 161 1.24 -12.53 2.43
N LYS A 162 -0.07 -12.66 2.63
CA LYS A 162 -0.94 -13.29 1.64
C LYS A 162 -1.11 -12.33 0.48
N ASN A 163 -1.26 -12.88 -0.73
CA ASN A 163 -1.42 -12.07 -1.92
C ASN A 163 -1.82 -12.97 -3.09
N PHE A 164 -2.10 -12.34 -4.23
CA PHE A 164 -2.57 -13.04 -5.42
C PHE A 164 -1.56 -14.08 -5.91
N VAL A 165 -0.27 -13.78 -5.79
CA VAL A 165 0.74 -14.70 -6.29
C VAL A 165 0.65 -16.03 -5.53
N PHE A 166 0.65 -15.97 -4.20
CA PHE A 166 0.55 -17.20 -3.42
C PHE A 166 -0.80 -17.88 -3.68
N THR A 167 -1.87 -17.10 -3.80
CA THR A 167 -3.19 -17.66 -4.06
C THR A 167 -3.17 -18.48 -5.35
N MET A 168 -2.61 -17.93 -6.43
CA MET A 168 -2.61 -18.61 -7.72
C MET A 168 -1.69 -19.84 -7.66
N GLN A 169 -0.51 -19.70 -7.05
CA GLN A 169 0.38 -20.84 -6.90
C GLN A 169 -0.33 -21.99 -6.17
N ASN A 170 -1.05 -21.65 -5.09
CA ASN A 170 -1.70 -22.65 -4.27
C ASN A 170 -2.81 -23.34 -5.06
N LEU A 171 -3.63 -22.56 -5.78
CA LEU A 171 -4.69 -23.15 -6.57
C LEU A 171 -4.14 -24.10 -7.61
N ALA A 172 -3.01 -23.74 -8.23
CA ALA A 172 -2.47 -24.55 -9.31
C ALA A 172 -1.94 -25.89 -8.81
N LYS A 173 -1.67 -26.03 -7.51
CA LYS A 173 -1.16 -27.30 -6.99
C LYS A 173 -2.15 -28.44 -7.23
N THR A 174 -3.46 -28.14 -7.28
CA THR A 174 -4.45 -29.20 -7.37
C THR A 174 -5.44 -28.98 -8.51
N HIS A 175 -5.14 -28.09 -9.45
CA HIS A 175 -6.04 -27.87 -10.57
C HIS A 175 -5.21 -27.74 -11.84
N LYS A 176 -5.70 -28.36 -12.92
CA LYS A 176 -5.01 -28.31 -14.20
C LYS A 176 -5.55 -27.17 -15.07
N THR A 177 -6.70 -26.61 -14.72
CA THR A 177 -7.23 -25.42 -15.37
C THR A 177 -7.76 -24.50 -14.28
N LEU A 178 -7.63 -23.18 -14.49
CA LEU A 178 -8.09 -22.16 -13.57
C LEU A 178 -8.64 -21.00 -14.38
N THR A 179 -9.65 -20.30 -13.87
CA THR A 179 -10.17 -19.12 -14.54
C THR A 179 -9.78 -17.87 -13.75
N VAL A 180 -9.45 -16.80 -14.48
CA VAL A 180 -9.05 -15.54 -13.88
C VAL A 180 -9.63 -14.40 -14.72
N VAL A 181 -10.09 -13.33 -14.05
N VAL A 181 -10.03 -13.31 -14.04
CA VAL A 181 -10.70 -12.21 -14.74
CA VAL A 181 -10.69 -12.18 -14.68
C VAL A 181 -9.70 -11.55 -15.70
C VAL A 181 -9.72 -11.47 -15.64
N ASN A 182 -10.23 -11.13 -16.86
N ASN A 182 -10.18 -11.21 -16.87
CA ASN A 182 -9.40 -10.57 -17.92
CA ASN A 182 -9.34 -10.54 -17.87
C ASN A 182 -9.92 -9.20 -18.36
C ASN A 182 -9.97 -9.24 -18.38
N ASP A 183 -10.74 -8.55 -17.53
CA ASP A 183 -11.31 -7.24 -17.88
C ASP A 183 -11.07 -6.23 -16.76
N GLN A 184 -10.17 -6.55 -15.83
CA GLN A 184 -9.72 -5.64 -14.78
C GLN A 184 -8.22 -5.46 -14.98
N TYR A 185 -7.84 -4.22 -15.24
CA TYR A 185 -6.48 -3.86 -15.61
C TYR A 185 -5.77 -3.15 -14.47
N GLY A 186 -4.45 -3.29 -14.46
CA GLY A 186 -3.60 -2.68 -13.47
C GLY A 186 -2.17 -3.18 -13.66
N ARG A 187 -1.35 -2.98 -12.65
CA ARG A 187 0.02 -3.49 -12.69
C ARG A 187 0.37 -3.99 -11.30
N PRO A 188 1.01 -5.17 -11.20
CA PRO A 188 1.50 -5.65 -9.92
C PRO A 188 2.52 -4.73 -9.28
N THR A 189 2.62 -4.81 -7.95
CA THR A 189 3.66 -4.12 -7.20
C THR A 189 4.30 -5.07 -6.20
N TRP A 190 5.60 -5.32 -6.36
CA TRP A 190 6.36 -6.08 -5.39
C TRP A 190 6.67 -5.19 -4.19
N THR A 191 6.43 -5.67 -2.97
CA THR A 191 6.72 -4.88 -1.79
C THR A 191 8.18 -4.44 -1.72
N ARG A 192 9.12 -5.23 -2.24
CA ARG A 192 10.51 -4.80 -2.17
C ARG A 192 10.70 -3.54 -3.03
N THR A 193 10.12 -3.50 -4.23
CA THR A 193 10.22 -2.31 -5.06
C THR A 193 9.61 -1.12 -4.32
N LEU A 194 8.43 -1.32 -3.72
CA LEU A 194 7.73 -0.25 -3.03
C LEU A 194 8.56 0.25 -1.84
N ALA A 195 9.14 -0.67 -1.05
CA ALA A 195 9.95 -0.29 0.08
C ALA A 195 11.18 0.50 -0.37
N GLU A 196 11.81 0.04 -1.46
CA GLU A 196 12.95 0.76 -2.01
C GLU A 196 12.52 2.16 -2.47
N PHE A 197 11.34 2.29 -3.06
CA PHE A 197 10.90 3.59 -3.56
C PHE A 197 10.62 4.57 -2.42
N ILE A 198 9.87 4.15 -1.40
CA ILE A 198 9.48 5.10 -0.38
C ILE A 198 10.70 5.56 0.42
N THR A 199 11.67 4.67 0.64
CA THR A 199 12.91 5.04 1.31
C THR A 199 13.75 5.95 0.40
N TYR A 200 13.72 5.69 -0.91
CA TYR A 200 14.44 6.52 -1.87
C TYR A 200 13.91 7.96 -1.79
N LEU A 201 12.59 8.12 -1.77
CA LEU A 201 12.00 9.45 -1.67
C LEU A 201 12.47 10.16 -0.41
N ALA A 202 12.30 9.48 0.73
CA ALA A 202 12.55 10.11 2.02
C ALA A 202 14.04 10.39 2.20
N GLU A 203 14.88 9.40 1.90
CA GLU A 203 16.32 9.51 2.16
C GLU A 203 16.97 10.57 1.27
N ASN A 204 16.42 10.79 0.07
CA ASN A 204 16.98 11.75 -0.88
C ASN A 204 16.24 13.09 -0.85
N ARG A 205 15.31 13.25 0.10
CA ARG A 205 14.59 14.51 0.27
C ARG A 205 13.97 14.95 -1.06
N LYS A 206 13.33 14.01 -1.75
CA LYS A 206 12.62 14.33 -2.98
C LYS A 206 11.42 15.21 -2.63
N GLU A 207 10.81 15.83 -3.63
N GLU A 207 10.82 15.84 -3.64
CA GLU A 207 9.76 16.80 -3.38
CA GLU A 207 9.75 16.79 -3.43
C GLU A 207 8.56 16.14 -2.73
C GLU A 207 8.60 16.12 -2.68
N PHE A 208 8.04 16.81 -1.68
CA PHE A 208 6.88 16.33 -0.99
C PHE A 208 5.69 16.30 -1.95
N GLY A 209 4.75 15.39 -1.68
CA GLY A 209 3.55 15.32 -2.47
C GLY A 209 3.12 13.90 -2.78
N TYR A 210 2.29 13.78 -3.82
CA TYR A 210 1.72 12.53 -4.25
C TYR A 210 2.56 11.87 -5.33
N TYR A 211 2.69 10.55 -5.22
CA TYR A 211 3.38 9.71 -6.19
C TYR A 211 2.57 8.45 -6.42
N HIS A 212 2.73 7.85 -7.60
CA HIS A 212 2.18 6.54 -7.92
C HIS A 212 3.32 5.56 -8.14
N LEU A 213 3.24 4.39 -7.49
CA LEU A 213 4.29 3.38 -7.62
C LEU A 213 3.66 2.00 -7.76
N SER A 214 3.88 1.40 -8.93
CA SER A 214 3.72 -0.02 -9.17
C SER A 214 4.95 -0.47 -9.94
N ASN A 215 5.10 -1.77 -10.18
CA ASN A 215 6.07 -2.20 -11.16
C ASN A 215 5.57 -1.78 -12.54
N ASP A 216 6.49 -1.81 -13.51
CA ASP A 216 6.19 -1.30 -14.85
C ASP A 216 5.68 -2.43 -15.74
N ALA A 217 5.11 -2.05 -16.90
CA ALA A 217 4.61 -3.03 -17.85
C ALA A 217 4.69 -2.49 -19.27
N THR A 218 5.01 -3.34 -20.24
CA THR A 218 5.06 -2.92 -21.63
C THR A 218 3.73 -3.10 -22.34
N GLU A 219 2.77 -3.77 -21.69
N GLU A 219 2.76 -3.73 -21.67
CA GLU A 219 1.46 -4.03 -22.26
CA GLU A 219 1.46 -4.00 -22.28
C GLU A 219 0.37 -3.70 -21.25
C GLU A 219 0.37 -3.77 -21.24
N ASP A 220 -0.86 -3.52 -21.73
CA ASP A 220 -2.02 -3.41 -20.86
C ASP A 220 -2.14 -4.79 -20.18
N THR A 221 -2.30 -4.79 -18.86
CA THR A 221 -2.16 -6.01 -18.07
C THR A 221 -3.39 -6.21 -17.19
N THR A 222 -3.90 -7.45 -17.20
CA THR A 222 -5.02 -7.82 -16.35
C THR A 222 -4.57 -8.85 -15.31
N TRP A 223 -5.45 -9.17 -14.35
CA TRP A 223 -5.17 -10.23 -13.41
C TRP A 223 -4.88 -11.53 -14.16
N TYR A 224 -5.61 -11.79 -15.24
CA TYR A 224 -5.40 -12.97 -16.06
C TYR A 224 -3.95 -13.01 -16.57
N ASP A 225 -3.48 -11.90 -17.14
CA ASP A 225 -2.11 -11.86 -17.63
C ASP A 225 -1.10 -12.14 -16.50
N PHE A 226 -1.37 -11.55 -15.34
CA PHE A 226 -0.50 -11.75 -14.19
C PHE A 226 -0.45 -13.24 -13.83
N ALA A 227 -1.61 -13.87 -13.75
CA ALA A 227 -1.70 -15.30 -13.43
C ALA A 227 -0.97 -16.15 -14.46
N VAL A 228 -1.14 -15.85 -15.75
CA VAL A 228 -0.49 -16.60 -16.80
C VAL A 228 1.03 -16.62 -16.56
N GLU A 229 1.59 -15.46 -16.22
CA GLU A 229 3.03 -15.36 -15.99
C GLU A 229 3.44 -16.07 -14.69
N ILE A 230 2.69 -15.85 -13.61
CA ILE A 230 2.98 -16.52 -12.34
C ILE A 230 3.09 -18.02 -12.57
N LEU A 231 2.17 -18.55 -13.40
CA LEU A 231 2.00 -19.99 -13.56
C LEU A 231 2.66 -20.53 -14.83
N LYS A 232 3.53 -19.73 -15.46
CA LYS A 232 4.13 -20.10 -16.73
C LYS A 232 4.96 -21.39 -16.64
N ASP A 233 5.55 -21.66 -15.46
CA ASP A 233 6.39 -22.84 -15.29
C ASP A 233 5.64 -23.93 -14.52
N THR A 234 4.31 -23.83 -14.50
CA THR A 234 3.46 -24.74 -13.74
C THR A 234 2.54 -25.47 -14.73
N ASP A 235 2.21 -26.72 -14.42
CA ASP A 235 1.41 -27.53 -15.33
C ASP A 235 -0.07 -27.22 -15.13
N VAL A 236 -0.49 -26.09 -15.69
CA VAL A 236 -1.84 -25.58 -15.53
C VAL A 236 -2.13 -24.67 -16.72
N GLU A 237 -3.40 -24.64 -17.14
CA GLU A 237 -3.84 -23.73 -18.17
C GLU A 237 -4.77 -22.69 -17.53
N VAL A 238 -4.37 -21.42 -17.61
CA VAL A 238 -5.20 -20.33 -17.11
C VAL A 238 -6.15 -19.92 -18.23
N LYS A 239 -7.43 -19.72 -17.89
CA LYS A 239 -8.44 -19.35 -18.86
C LYS A 239 -9.04 -18.00 -18.46
N PRO A 240 -9.25 -17.09 -19.43
CA PRO A 240 -9.80 -15.77 -19.11
C PRO A 240 -11.32 -15.75 -19.00
N VAL A 241 -11.83 -15.00 -18.03
CA VAL A 241 -13.26 -14.81 -17.85
C VAL A 241 -13.54 -13.34 -17.59
N ASP A 242 -14.80 -12.93 -17.74
CA ASP A 242 -15.18 -11.55 -17.46
C ASP A 242 -15.58 -11.42 -16.00
N SER A 243 -15.80 -10.16 -15.56
CA SER A 243 -16.09 -9.85 -14.16
C SER A 243 -17.42 -10.41 -13.67
N SER A 244 -18.33 -10.73 -14.60
N SER A 244 -18.33 -10.73 -14.60
CA SER A 244 -19.65 -11.21 -14.23
CA SER A 244 -19.65 -11.20 -14.20
C SER A 244 -19.63 -12.67 -13.79
C SER A 244 -19.58 -12.65 -13.69
N GLN A 245 -18.52 -13.37 -14.04
CA GLN A 245 -18.43 -14.78 -13.68
C GLN A 245 -18.34 -14.97 -12.16
N PHE A 246 -17.63 -14.08 -11.48
CA PHE A 246 -17.48 -14.13 -10.04
C PHE A 246 -17.93 -12.79 -9.45
N PRO A 247 -19.23 -12.65 -9.09
CA PRO A 247 -19.74 -11.39 -8.55
C PRO A 247 -19.23 -11.08 -7.14
N ALA A 248 -18.44 -10.01 -7.04
CA ALA A 248 -17.90 -9.56 -5.77
C ALA A 248 -18.82 -8.49 -5.19
N LYS A 249 -18.72 -8.27 -3.88
CA LYS A 249 -19.53 -7.27 -3.20
C LYS A 249 -19.08 -5.89 -3.66
N ALA A 250 -17.82 -5.57 -3.39
CA ALA A 250 -17.25 -4.27 -3.74
C ALA A 250 -17.02 -4.20 -5.24
N LYS A 251 -17.29 -3.00 -5.81
CA LYS A 251 -17.09 -2.77 -7.23
C LYS A 251 -15.60 -2.70 -7.53
N ARG A 252 -15.08 -3.61 -8.37
N ARG A 252 -15.13 -3.73 -8.25
CA ARG A 252 -13.65 -3.58 -8.65
CA ARG A 252 -13.76 -3.81 -8.70
C ARG A 252 -13.36 -2.62 -9.80
C ARG A 252 -13.56 -2.81 -9.82
N PRO A 253 -12.30 -1.79 -9.72
N PRO A 253 -12.51 -1.98 -9.75
CA PRO A 253 -11.98 -0.87 -10.82
CA PRO A 253 -12.25 -0.98 -10.80
C PRO A 253 -11.71 -1.61 -12.12
C PRO A 253 -11.85 -1.68 -12.10
N LEU A 254 -12.29 -1.13 -13.22
CA LEU A 254 -11.99 -1.73 -14.52
C LEU A 254 -10.54 -1.46 -14.91
N ASN A 255 -10.02 -0.26 -14.61
CA ASN A 255 -8.66 0.07 -14.98
C ASN A 255 -8.03 0.88 -13.87
N SER A 256 -7.03 0.29 -13.20
N SER A 256 -7.03 0.25 -13.22
CA SER A 256 -6.30 0.94 -12.12
CA SER A 256 -6.27 0.80 -12.12
C SER A 256 -4.86 1.25 -12.53
C SER A 256 -4.82 1.07 -12.51
N THR A 257 -4.53 1.13 -13.81
CA THR A 257 -3.18 1.39 -14.27
C THR A 257 -2.77 2.82 -13.90
N MET A 258 -1.63 2.98 -13.23
CA MET A 258 -1.20 4.28 -12.75
C MET A 258 0.03 4.74 -13.53
N SER A 259 0.07 6.04 -13.80
CA SER A 259 1.23 6.65 -14.41
C SER A 259 2.41 6.59 -13.45
N LEU A 260 3.55 6.09 -13.95
CA LEU A 260 4.77 6.00 -13.17
C LEU A 260 5.72 7.16 -13.47
N ALA A 261 5.27 8.15 -14.23
CA ALA A 261 6.17 9.18 -14.70
C ALA A 261 6.81 9.97 -13.55
N LYS A 262 6.02 10.36 -12.55
CA LYS A 262 6.56 11.21 -11.49
C LYS A 262 7.61 10.44 -10.68
N ALA A 263 7.31 9.18 -10.37
CA ALA A 263 8.26 8.31 -9.67
C ALA A 263 9.54 8.18 -10.49
N LYS A 264 9.42 7.90 -11.79
CA LYS A 264 10.61 7.73 -12.60
C LYS A 264 11.44 9.00 -12.67
N ALA A 265 10.78 10.16 -12.66
CA ALA A 265 11.48 11.44 -12.78
C ALA A 265 12.31 11.75 -11.55
N THR A 266 12.12 11.02 -10.45
CA THR A 266 12.97 11.18 -9.27
C THR A 266 14.31 10.45 -9.46
N GLY A 267 14.45 9.66 -10.53
CA GLY A 267 15.64 8.87 -10.77
C GLY A 267 15.51 7.42 -10.29
N PHE A 268 14.40 7.08 -9.66
CA PHE A 268 14.18 5.72 -9.20
C PHE A 268 13.98 4.78 -10.39
N VAL A 269 14.57 3.59 -10.31
CA VAL A 269 14.49 2.59 -11.36
C VAL A 269 13.38 1.61 -11.01
N ILE A 270 12.40 1.44 -11.91
CA ILE A 270 11.28 0.58 -11.63
C ILE A 270 11.36 -0.68 -12.49
N PRO A 271 11.60 -1.86 -11.90
CA PRO A 271 11.57 -3.09 -12.70
C PRO A 271 10.20 -3.35 -13.30
N THR A 272 10.17 -4.08 -14.42
CA THR A 272 8.90 -4.57 -14.92
C THR A 272 8.33 -5.55 -13.89
N TRP A 273 7.02 -5.76 -13.94
CA TRP A 273 6.40 -6.68 -13.00
C TRP A 273 6.89 -8.11 -13.22
N GLN A 274 7.20 -8.48 -14.48
CA GLN A 274 7.69 -9.82 -14.73
C GLN A 274 9.08 -10.02 -14.09
N ASP A 275 9.92 -9.00 -14.18
CA ASP A 275 11.24 -9.06 -13.58
C ASP A 275 11.15 -9.03 -12.05
N ALA A 276 10.20 -8.24 -11.51
CA ALA A 276 9.98 -8.21 -10.07
C ALA A 276 9.59 -9.59 -9.56
N LEU A 277 8.70 -10.29 -10.28
N LEU A 277 8.76 -10.29 -10.34
CA LEU A 277 8.33 -11.65 -9.85
CA LEU A 277 8.30 -11.62 -9.98
C LEU A 277 9.59 -12.51 -9.71
C LEU A 277 9.48 -12.58 -9.83
N GLN A 278 10.47 -12.45 -10.70
CA GLN A 278 11.68 -13.27 -10.65
C GLN A 278 12.53 -12.92 -9.43
N GLU A 279 12.63 -11.64 -9.10
CA GLU A 279 13.39 -11.22 -7.93
C GLU A 279 12.71 -11.72 -6.66
N PHE A 280 11.37 -11.69 -6.66
CA PHE A 280 10.57 -12.21 -5.56
C PHE A 280 10.87 -13.70 -5.34
N TYR A 281 10.86 -14.50 -6.42
N TYR A 281 11.15 -14.41 -6.44
CA TYR A 281 11.04 -15.92 -6.22
CA TYR A 281 11.56 -15.82 -6.36
C TYR A 281 12.43 -16.22 -5.63
C TYR A 281 13.02 -15.92 -5.88
N LYS A 282 13.42 -15.38 -5.94
N LYS A 282 13.90 -15.08 -6.44
CA LYS A 282 14.81 -15.58 -5.52
CA LYS A 282 15.32 -15.11 -6.11
C LYS A 282 15.07 -15.18 -4.08
C LYS A 282 15.55 -14.70 -4.66
N GLN A 283 14.28 -14.22 -3.58
N GLN A 283 14.63 -13.92 -4.09
CA GLN A 283 14.57 -13.57 -2.30
CA GLN A 283 14.84 -13.33 -2.77
C GLN A 283 14.82 -14.58 -1.18
C GLN A 283 15.02 -14.40 -1.70
N GLU A 284 15.96 -14.42 -0.50
N GLU A 284 15.88 -14.06 -0.71
CA GLU A 284 16.23 -15.21 0.69
CA GLU A 284 16.10 -14.89 0.46
C GLU A 284 15.33 -14.68 1.81
C GLU A 284 15.14 -14.42 1.55
N VAL A 285 14.11 -15.21 1.86
CA VAL A 285 13.07 -14.80 2.79
C VAL A 285 13.54 -14.97 4.23
N ARG A 286 13.24 -13.97 5.07
CA ARG A 286 13.53 -14.02 6.49
C ARG A 286 12.28 -14.50 7.26
#